data_9HZK
#
_entry.id   9HZK
#
_cell.length_a   53.740
_cell.length_b   53.740
_cell.length_c   60.840
_cell.angle_alpha   90.00
_cell.angle_beta   90.00
_cell.angle_gamma   120.00
#
_symmetry.space_group_name_H-M   'P 32'
#
loop_
_entity.id
_entity.type
_entity.pdbx_description
1 polymer 'Circumsporozoite protein'
2 polymer sdAb9
3 non-polymer GLYCEROL
4 non-polymer DI(HYDROXYETHYL)ETHER
5 water water
#
loop_
_entity_poly.entity_id
_entity_poly.type
_entity_poly.pdbx_seq_one_letter_code
_entity_poly.pdbx_strand_id
1 'polypeptide(L)'
;MEPSDKHIKEYLNKIQNSLSTEWSPCSVTCGNGIQVRIKPGSANKPKDELDYANDIEKKICKMEKCSSVFNVVNSSENLY
FQSGGHHHHHH
;
B
2 'polypeptide(L)'
;QVQLQESGGGLVQAGGSLRLSCAASGRTFSSYSMGWFRQVPGKEREFVARITSSGGNTDYADSAKGRFTISRDNAKNTVY
LQMSTLKPEDTAVYYCAADLWQYGRNSRAADYDYWGQGTQVTVSSAAAYPYDVPDYGSHHHHHH
;
A
#
# COMPACT_ATOMS: atom_id res chain seq x y z
N GLU A 2 -13.58 8.84 15.93
CA GLU A 2 -12.51 9.35 15.05
C GLU A 2 -12.84 9.14 13.58
N PRO A 3 -12.34 10.02 12.70
CA PRO A 3 -12.41 9.75 11.27
C PRO A 3 -11.68 8.46 10.94
N SER A 4 -12.34 7.59 10.20
CA SER A 4 -11.75 6.31 9.86
C SER A 4 -10.60 6.49 8.87
N ASP A 5 -9.76 5.46 8.80
CA ASP A 5 -8.72 5.40 7.78
C ASP A 5 -9.30 5.55 6.39
N LYS A 6 -10.44 4.90 6.13
CA LYS A 6 -11.11 5.04 4.85
C LYS A 6 -11.42 6.50 4.55
N HIS A 7 -12.09 7.18 5.48
CA HIS A 7 -12.44 8.59 5.29
C HIS A 7 -11.21 9.43 4.96
N ILE A 8 -10.15 9.29 5.77
CA ILE A 8 -8.94 10.06 5.58
C ILE A 8 -8.37 9.84 4.19
N LYS A 9 -8.32 8.58 3.74
CA LYS A 9 -7.69 8.27 2.47
C LYS A 9 -8.53 8.76 1.30
N GLU A 10 -9.86 8.65 1.41
CA GLU A 10 -10.73 9.18 0.36
C GLU A 10 -10.60 10.69 0.26
N TYR A 11 -10.46 11.37 1.40
CA TYR A 11 -10.21 12.81 1.34
C TYR A 11 -8.89 13.10 0.64
N LEU A 12 -7.83 12.36 0.99
CA LEU A 12 -6.54 12.56 0.33
C LEU A 12 -6.64 12.34 -1.17
N ASN A 13 -7.41 11.31 -1.59
CA ASN A 13 -7.58 11.07 -3.01
C ASN A 13 -8.29 12.24 -3.68
N LYS A 14 -9.26 12.85 -2.99
CA LYS A 14 -10.00 13.97 -3.58
C LYS A 14 -9.11 15.17 -3.82
N ILE A 15 -8.28 15.55 -2.85
CA ILE A 15 -7.55 16.81 -2.89
C ILE A 15 -6.08 16.61 -3.25
N GLN A 16 -5.72 15.48 -3.86
CA GLN A 16 -4.33 15.19 -4.15
C GLN A 16 -3.63 16.35 -4.86
N ASN A 17 -4.26 16.89 -5.90
CA ASN A 17 -3.62 17.97 -6.64
C ASN A 17 -3.54 19.27 -5.85
N SER A 18 -4.41 19.48 -4.87
CA SER A 18 -4.33 20.67 -4.01
C SER A 18 -3.36 20.51 -2.85
N LEU A 19 -2.94 19.29 -2.53
CA LEU A 19 -2.20 19.00 -1.32
C LEU A 19 -0.95 19.87 -1.25
N SER A 20 -0.76 20.57 -0.13
CA SER A 20 0.38 21.46 0.03
C SER A 20 0.83 21.45 1.48
N THR A 21 1.86 22.28 1.76
CA THR A 21 2.32 22.45 3.13
C THR A 21 1.36 23.29 3.97
N GLU A 22 0.31 23.85 3.38
CA GLU A 22 -0.74 24.51 4.16
C GLU A 22 -1.80 23.49 4.54
N TRP A 23 -2.29 23.58 5.78
CA TRP A 23 -3.36 22.69 6.23
C TRP A 23 -4.62 22.86 5.37
N SER A 24 -5.12 21.73 4.88
CA SER A 24 -6.36 21.69 4.15
C SER A 24 -7.54 22.15 5.01
N PRO A 25 -8.66 22.51 4.38
CA PRO A 25 -9.90 22.66 5.13
C PRO A 25 -10.28 21.36 5.82
N CYS A 26 -11.17 21.47 6.81
CA CYS A 26 -11.74 20.26 7.40
C CYS A 26 -12.44 19.46 6.31
N SER A 27 -12.24 18.15 6.34
CA SER A 27 -12.85 17.29 5.33
C SER A 27 -14.35 17.15 5.51
N VAL A 28 -14.92 17.65 6.60
CA VAL A 28 -16.36 17.59 6.81
C VAL A 28 -16.88 18.98 7.18
N THR A 29 -18.14 19.22 6.83
CA THR A 29 -18.82 20.44 7.25
C THR A 29 -19.57 20.27 8.56
N CYS A 30 -19.80 19.04 9.00
CA CYS A 30 -20.41 18.75 10.29
C CYS A 30 -19.81 17.47 10.84
N GLY A 31 -19.88 17.32 12.17
CA GLY A 31 -19.26 16.19 12.84
C GLY A 31 -17.74 16.34 12.88
N ASN A 32 -17.07 15.21 13.03
CA ASN A 32 -15.62 15.18 13.14
C ASN A 32 -14.98 14.72 11.83
N GLY A 33 -13.92 15.42 11.42
CA GLY A 33 -13.20 15.07 10.21
C GLY A 33 -11.70 15.19 10.32
N ILE A 34 -11.03 15.30 9.18
CA ILE A 34 -9.58 15.38 9.14
C ILE A 34 -9.17 16.62 8.36
N GLN A 35 -8.07 17.23 8.81
CA GLN A 35 -7.26 18.14 7.99
C GLN A 35 -5.91 17.48 7.71
N VAL A 36 -5.36 17.77 6.53
CA VAL A 36 -4.13 17.13 6.08
C VAL A 36 -3.22 18.18 5.47
N ARG A 37 -1.92 17.90 5.49
CA ARG A 37 -0.95 18.76 4.82
C ARG A 37 0.32 17.95 4.59
N ILE A 38 1.21 18.51 3.77
CA ILE A 38 2.55 17.97 3.59
C ILE A 38 3.44 18.51 4.71
N LYS A 39 4.13 17.61 5.41
CA LYS A 39 5.12 17.99 6.41
C LYS A 39 6.10 19.00 5.81
N PRO A 40 6.26 20.19 6.41
CA PRO A 40 7.08 21.25 5.78
C PRO A 40 8.48 20.81 5.38
N GLY A 41 9.15 20.01 6.19
CA GLY A 41 10.42 19.45 5.78
C GLY A 41 10.37 18.53 4.59
N SER A 42 9.19 18.29 4.01
CA SER A 42 9.03 17.41 2.86
C SER A 42 8.45 18.16 1.66
N ALA A 43 8.41 19.49 1.72
CA ALA A 43 7.90 20.29 0.62
C ALA A 43 8.64 20.02 -0.69
N ASN A 44 9.89 19.58 -0.63
CA ASN A 44 10.72 19.39 -1.81
C ASN A 44 10.41 18.10 -2.56
N LYS A 45 9.77 17.13 -1.92
CA LYS A 45 9.58 15.82 -2.54
C LYS A 45 8.56 15.89 -3.67
N PRO A 46 8.75 15.15 -4.75
CA PRO A 46 7.67 14.99 -5.73
C PRO A 46 6.46 14.36 -5.04
N LYS A 47 5.27 14.72 -5.52
CA LYS A 47 4.06 14.36 -4.80
C LYS A 47 3.84 12.86 -4.79
N ASP A 48 4.31 12.13 -5.80
CA ASP A 48 4.16 10.69 -5.79
C ASP A 48 5.31 9.98 -5.09
N GLU A 49 6.16 10.72 -4.37
CA GLU A 49 7.13 10.14 -3.44
C GLU A 49 6.74 10.36 -1.99
N LEU A 50 5.61 11.01 -1.74
CA LEU A 50 5.18 11.29 -0.37
C LEU A 50 4.83 9.98 0.34
N ASP A 51 5.45 9.75 1.49
CA ASP A 51 5.12 8.60 2.31
C ASP A 51 3.94 8.93 3.23
N TYR A 52 2.94 8.05 3.23
CA TYR A 52 1.69 8.29 3.99
C TYR A 52 1.96 8.59 5.46
N ALA A 53 2.88 7.86 6.08
CA ALA A 53 3.09 8.05 7.52
C ALA A 53 4.05 9.20 7.80
N ASN A 54 5.07 9.39 6.97
CA ASN A 54 6.14 10.32 7.33
C ASN A 54 5.99 11.72 6.75
N ASP A 55 5.35 11.87 5.59
CA ASP A 55 5.26 13.16 4.91
C ASP A 55 3.88 13.78 4.96
N ILE A 56 2.83 12.97 5.15
CA ILE A 56 1.46 13.49 5.24
C ILE A 56 1.12 13.61 6.71
N GLU A 57 0.99 14.84 7.20
CA GLU A 57 0.52 15.06 8.55
C GLU A 57 -1.00 15.24 8.55
N LYS A 58 -1.63 14.75 9.62
CA LYS A 58 -3.08 14.71 9.75
C LYS A 58 -3.49 15.07 11.17
N LYS A 59 -4.62 15.77 11.30
CA LYS A 59 -5.19 16.08 12.60
C LYS A 59 -6.71 16.11 12.49
N ILE A 60 -7.36 15.81 13.60
CA ILE A 60 -8.82 15.82 13.67
C ILE A 60 -9.30 17.26 13.75
N CYS A 61 -10.34 17.58 12.97
CA CYS A 61 -11.06 18.85 13.05
C CYS A 61 -12.50 18.59 13.47
N LYS A 62 -12.96 19.30 14.48
CA LYS A 62 -14.31 19.12 15.02
C LYS A 62 -15.20 20.27 14.57
N MET A 63 -16.25 19.95 13.83
CA MET A 63 -17.27 20.90 13.41
C MET A 63 -18.55 20.71 14.22
N GLU A 64 -19.50 21.61 13.99
CA GLU A 64 -20.83 21.48 14.58
C GLU A 64 -21.39 20.07 14.36
N LYS A 65 -22.29 19.65 15.24
CA LYS A 65 -22.91 18.34 15.10
C LYS A 65 -23.69 18.25 13.79
N CYS A 66 -23.73 17.04 13.22
CA CYS A 66 -24.56 16.82 12.05
C CYS A 66 -26.02 16.70 12.44
N SER A 67 -26.90 17.20 11.58
CA SER A 67 -28.33 17.02 11.77
C SER A 67 -28.69 15.54 11.68
N SER A 68 -29.85 15.21 12.24
CA SER A 68 -30.33 13.83 12.20
C SER A 68 -31.78 13.75 11.74
N GLN B 1 -15.05 -2.58 0.01
CA GLN B 1 -14.22 -3.72 0.39
C GLN B 1 -13.93 -4.67 -0.78
N VAL B 2 -12.73 -5.26 -0.79
CA VAL B 2 -12.36 -6.28 -1.76
C VAL B 2 -11.72 -7.44 -1.01
N GLN B 3 -11.73 -8.62 -1.62
CA GLN B 3 -11.08 -9.78 -1.04
C GLN B 3 -9.90 -10.20 -1.89
N LEU B 4 -8.80 -10.54 -1.22
CA LEU B 4 -7.53 -10.82 -1.88
C LEU B 4 -7.16 -12.28 -1.65
N GLN B 5 -6.67 -12.93 -2.70
CA GLN B 5 -6.19 -14.30 -2.61
C GLN B 5 -4.87 -14.41 -3.35
N GLU B 6 -3.82 -14.78 -2.63
CA GLU B 6 -2.50 -14.94 -3.22
C GLU B 6 -2.29 -16.39 -3.64
N SER B 7 -1.49 -16.57 -4.68
CA SER B 7 -1.03 -17.90 -5.06
C SER B 7 0.32 -17.74 -5.74
N GLY B 8 0.95 -18.90 -6.01
CA GLY B 8 2.23 -18.94 -6.69
C GLY B 8 3.39 -19.35 -5.81
N GLY B 9 3.18 -19.51 -4.49
CA GLY B 9 4.28 -19.87 -3.61
C GLY B 9 4.65 -21.35 -3.70
N GLY B 10 5.90 -21.63 -3.41
CA GLY B 10 6.38 -23.00 -3.44
C GLY B 10 7.86 -23.07 -3.07
N LEU B 11 8.50 -24.15 -3.51
CA LEU B 11 9.90 -24.41 -3.22
C LEU B 11 10.74 -24.05 -4.43
N VAL B 12 11.81 -23.27 -4.22
CA VAL B 12 12.67 -22.82 -5.31
C VAL B 12 14.13 -22.85 -4.84
N GLN B 13 15.03 -23.32 -5.72
CA GLN B 13 16.45 -23.35 -5.43
C GLN B 13 17.04 -21.94 -5.40
N ALA B 14 18.03 -21.75 -4.52
CA ALA B 14 18.69 -20.46 -4.42
C ALA B 14 19.23 -20.02 -5.79
N GLY B 15 19.19 -18.71 -6.03
CA GLY B 15 19.42 -18.15 -7.33
C GLY B 15 18.21 -18.14 -8.23
N GLY B 16 17.17 -18.90 -7.89
CA GLY B 16 16.01 -19.05 -8.74
C GLY B 16 15.10 -17.82 -8.75
N SER B 17 14.10 -17.91 -9.62
CA SER B 17 13.09 -16.89 -9.80
C SER B 17 11.73 -17.49 -9.53
N LEU B 18 10.77 -16.64 -9.19
CA LEU B 18 9.43 -17.07 -8.83
C LEU B 18 8.47 -15.89 -9.00
N ARG B 19 7.29 -16.16 -9.57
CA ARG B 19 6.28 -15.12 -9.76
C ARG B 19 5.05 -15.44 -8.93
N LEU B 20 4.71 -14.55 -8.02
CA LEU B 20 3.51 -14.66 -7.20
C LEU B 20 2.42 -13.79 -7.82
N SER B 21 1.16 -14.21 -7.61
CA SER B 21 -0.03 -13.54 -8.10
C SER B 21 -0.96 -13.26 -6.92
N CYS B 22 -1.76 -12.19 -7.04
CA CYS B 22 -2.76 -11.88 -6.03
C CYS B 22 -4.01 -11.35 -6.74
N ALA B 23 -5.08 -12.13 -6.70
CA ALA B 23 -6.32 -11.78 -7.39
C ALA B 23 -7.34 -11.24 -6.40
N ALA B 24 -8.16 -10.31 -6.90
CA ALA B 24 -9.13 -9.59 -6.08
C ALA B 24 -10.54 -9.88 -6.56
N SER B 25 -11.46 -9.96 -5.62
CA SER B 25 -12.88 -9.99 -5.93
C SER B 25 -13.38 -8.58 -6.21
N GLY B 26 -14.59 -8.49 -6.78
CA GLY B 26 -15.21 -7.21 -7.04
C GLY B 26 -14.79 -6.59 -8.36
N ARG B 27 -15.13 -5.32 -8.51
CA ARG B 27 -14.75 -4.55 -9.70
C ARG B 27 -14.11 -3.23 -9.33
N THR B 28 -13.68 -3.07 -8.08
CA THR B 28 -13.03 -1.86 -7.60
C THR B 28 -11.53 -2.03 -7.44
N PHE B 29 -10.95 -3.13 -7.95
CA PHE B 29 -9.53 -3.41 -7.80
C PHE B 29 -8.68 -2.20 -8.18
N SER B 30 -8.99 -1.59 -9.32
CA SER B 30 -8.15 -0.54 -9.89
C SER B 30 -8.08 0.72 -9.03
N SER B 31 -9.02 0.92 -8.11
CA SER B 31 -8.96 2.09 -7.26
C SER B 31 -8.05 1.91 -6.04
N TYR B 32 -7.44 0.73 -5.87
CA TYR B 32 -6.58 0.44 -4.73
C TYR B 32 -5.12 0.47 -5.14
N SER B 33 -4.30 1.09 -4.28
CA SER B 33 -2.87 0.86 -4.33
C SER B 33 -2.58 -0.50 -3.67
N MET B 34 -1.71 -1.28 -4.30
CA MET B 34 -1.47 -2.65 -3.86
C MET B 34 -0.05 -2.80 -3.36
N GLY B 35 0.09 -3.55 -2.27
CA GLY B 35 1.39 -3.81 -1.68
C GLY B 35 1.62 -5.30 -1.49
N TRP B 36 2.88 -5.67 -1.51
CA TRP B 36 3.31 -6.99 -1.07
C TRP B 36 4.17 -6.83 0.18
N PHE B 37 3.92 -7.68 1.15
CA PHE B 37 4.64 -7.78 2.41
C PHE B 37 5.14 -9.20 2.54
N ARG B 38 5.99 -9.45 3.53
CA ARG B 38 6.38 -10.82 3.81
C ARG B 38 6.59 -10.98 5.30
N GLN B 39 6.38 -12.21 5.78
CA GLN B 39 6.37 -12.47 7.21
C GLN B 39 7.16 -13.73 7.54
N VAL B 40 8.04 -13.60 8.52
CA VAL B 40 8.78 -14.71 9.14
C VAL B 40 8.27 -14.93 10.56
N PRO B 41 8.40 -16.14 11.13
CA PRO B 41 7.94 -16.35 12.50
C PRO B 41 8.60 -15.40 13.47
N GLY B 42 7.83 -14.99 14.49
CA GLY B 42 8.32 -14.11 15.53
C GLY B 42 8.39 -12.64 15.16
N LYS B 43 8.07 -12.27 13.92
CA LYS B 43 8.17 -10.88 13.50
C LYS B 43 6.93 -10.50 12.70
N GLU B 44 6.55 -9.23 12.78
CA GLU B 44 5.41 -8.75 12.02
C GLU B 44 5.78 -8.62 10.54
N ARG B 45 4.76 -8.63 9.68
CA ARG B 45 4.94 -8.44 8.24
C ARG B 45 5.85 -7.26 7.94
N GLU B 46 6.76 -7.44 6.99
CA GLU B 46 7.59 -6.34 6.53
C GLU B 46 7.30 -6.03 5.07
N PHE B 47 7.39 -4.74 4.73
CA PHE B 47 7.08 -4.25 3.39
C PHE B 47 8.04 -4.84 2.35
N VAL B 48 7.50 -5.14 1.17
CA VAL B 48 8.32 -5.64 0.07
C VAL B 48 8.23 -4.69 -1.11
N ALA B 49 7.01 -4.44 -1.61
CA ALA B 49 6.84 -3.57 -2.77
C ALA B 49 5.42 -2.99 -2.78
N ARG B 50 5.27 -1.88 -3.51
CA ARG B 50 4.01 -1.17 -3.65
C ARG B 50 3.83 -0.72 -5.08
N ILE B 51 2.56 -0.70 -5.54
CA ILE B 51 2.22 -0.13 -6.84
C ILE B 51 0.92 0.65 -6.67
N THR B 52 0.94 1.93 -7.05
CA THR B 52 -0.17 2.82 -6.77
C THR B 52 -1.35 2.55 -7.70
N SER B 53 -2.55 2.93 -7.23
CA SER B 53 -3.73 2.88 -8.09
C SER B 53 -3.63 3.90 -9.21
N SER B 54 -3.20 5.11 -8.88
CA SER B 54 -3.20 6.22 -9.82
C SER B 54 -1.83 6.33 -10.48
N GLY B 55 -1.71 5.80 -11.70
CA GLY B 55 -0.50 5.91 -12.48
C GLY B 55 0.43 4.71 -12.42
N GLY B 56 0.11 3.70 -11.61
CA GLY B 56 0.94 2.49 -11.55
C GLY B 56 2.39 2.73 -11.18
N ASN B 57 2.66 3.73 -10.36
CA ASN B 57 4.03 3.99 -9.92
C ASN B 57 4.42 3.00 -8.83
N THR B 58 5.71 2.68 -8.77
CA THR B 58 6.18 1.58 -7.94
C THR B 58 7.18 2.06 -6.90
N ASP B 59 7.32 1.28 -5.84
CA ASP B 59 8.22 1.56 -4.73
C ASP B 59 8.65 0.23 -4.12
N TYR B 60 9.90 0.14 -3.67
CA TYR B 60 10.50 -1.13 -3.28
C TYR B 60 11.27 -0.98 -1.99
N ALA B 61 11.14 -1.97 -1.12
CA ALA B 61 12.00 -2.08 0.04
C ALA B 61 13.44 -2.32 -0.40
N ASP B 62 14.37 -2.02 0.50
CA ASP B 62 15.79 -2.17 0.20
C ASP B 62 16.12 -3.61 -0.21
N SER B 63 15.53 -4.59 0.48
CA SER B 63 15.77 -6.00 0.20
C SER B 63 15.25 -6.44 -1.16
N ALA B 64 14.43 -5.62 -1.82
CA ALA B 64 13.79 -5.99 -3.07
C ALA B 64 14.20 -5.15 -4.27
N LYS B 65 14.70 -3.92 -4.05
CA LYS B 65 15.16 -3.06 -5.15
C LYS B 65 16.09 -3.83 -6.09
N GLY B 66 15.84 -3.70 -7.38
CA GLY B 66 16.66 -4.35 -8.40
C GLY B 66 16.36 -5.83 -8.65
N ARG B 67 15.94 -6.55 -7.63
CA ARG B 67 15.64 -7.97 -7.73
C ARG B 67 14.18 -8.24 -8.07
N PHE B 68 13.26 -7.52 -7.42
CA PHE B 68 11.84 -7.84 -7.57
C PHE B 68 11.17 -6.81 -8.46
N THR B 69 10.05 -7.21 -9.07
CA THR B 69 9.25 -6.31 -9.88
C THR B 69 7.78 -6.49 -9.52
N ILE B 70 7.12 -5.40 -9.15
CA ILE B 70 5.67 -5.44 -8.88
C ILE B 70 4.95 -4.85 -10.09
N SER B 71 3.88 -5.52 -10.52
CA SER B 71 3.09 -5.06 -11.65
C SER B 71 1.62 -5.39 -11.39
N ARG B 72 0.72 -4.81 -12.18
CA ARG B 72 -0.70 -5.11 -12.03
C ARG B 72 -1.37 -5.19 -13.40
N ASP B 73 -2.37 -6.05 -13.49
CA ASP B 73 -3.28 -6.13 -14.63
C ASP B 73 -4.71 -5.89 -14.11
N ASN B 74 -5.23 -4.68 -14.33
CA ASN B 74 -6.54 -4.34 -13.77
C ASN B 74 -7.67 -5.09 -14.47
N ALA B 75 -7.49 -5.40 -15.76
CA ALA B 75 -8.48 -6.21 -16.45
C ALA B 75 -8.61 -7.58 -15.81
N LYS B 76 -7.49 -8.16 -15.37
CA LYS B 76 -7.50 -9.44 -14.67
C LYS B 76 -7.71 -9.30 -13.16
N ASN B 77 -7.87 -8.08 -12.64
CA ASN B 77 -8.02 -7.87 -11.19
C ASN B 77 -6.87 -8.48 -10.40
N THR B 78 -5.65 -8.43 -10.95
CA THR B 78 -4.50 -9.11 -10.36
C THR B 78 -3.31 -8.17 -10.23
N VAL B 79 -2.59 -8.31 -9.11
CA VAL B 79 -1.28 -7.71 -8.90
C VAL B 79 -0.29 -8.87 -8.80
N TYR B 80 0.94 -8.62 -9.28
CA TYR B 80 1.97 -9.63 -9.42
C TYR B 80 3.23 -9.22 -8.67
N LEU B 81 3.95 -10.21 -8.13
CA LEU B 81 5.30 -9.99 -7.61
C LEU B 81 6.25 -10.94 -8.32
N GLN B 82 7.14 -10.39 -9.13
CA GLN B 82 8.16 -11.15 -9.85
C GLN B 82 9.47 -11.05 -9.06
N MET B 83 9.92 -12.19 -8.53
CA MET B 83 11.13 -12.24 -7.72
C MET B 83 12.22 -13.03 -8.44
N SER B 84 13.45 -12.56 -8.32
CA SER B 84 14.61 -13.18 -8.94
C SER B 84 15.75 -13.19 -7.92
N THR B 85 16.81 -13.91 -8.27
CA THR B 85 18.00 -14.08 -7.41
C THR B 85 17.61 -14.37 -5.97
N LEU B 86 16.76 -15.39 -5.81
CA LEU B 86 16.18 -15.72 -4.52
C LEU B 86 17.20 -16.40 -3.61
N LYS B 87 17.26 -15.96 -2.37
CA LYS B 87 18.18 -16.51 -1.38
C LYS B 87 17.40 -17.15 -0.25
N PRO B 88 18.04 -18.03 0.54
CA PRO B 88 17.32 -18.67 1.66
C PRO B 88 16.67 -17.68 2.62
N GLU B 89 17.27 -16.50 2.80
CA GLU B 89 16.71 -15.47 3.67
C GLU B 89 15.40 -14.90 3.17
N ASP B 90 14.99 -15.22 1.94
CA ASP B 90 13.71 -14.78 1.38
C ASP B 90 12.57 -15.73 1.71
N THR B 91 12.84 -16.85 2.37
CA THR B 91 11.80 -17.75 2.84
C THR B 91 10.88 -17.03 3.80
N ALA B 92 9.58 -17.02 3.49
CA ALA B 92 8.58 -16.24 4.22
C ALA B 92 7.21 -16.56 3.64
N VAL B 93 6.19 -16.15 4.36
CA VAL B 93 4.85 -16.06 3.81
C VAL B 93 4.72 -14.69 3.18
N TYR B 94 4.32 -14.66 1.91
CA TYR B 94 4.15 -13.42 1.18
C TYR B 94 2.68 -13.06 1.14
N TYR B 95 2.37 -11.81 1.49
CA TYR B 95 1.01 -11.31 1.56
C TYR B 95 0.84 -10.15 0.59
N CYS B 96 -0.31 -10.11 -0.08
CA CYS B 96 -0.69 -8.88 -0.74
C CYS B 96 -1.71 -8.14 0.12
N ALA B 97 -1.79 -6.83 -0.11
CA ALA B 97 -2.62 -5.96 0.70
C ALA B 97 -3.12 -4.86 -0.22
N ALA B 98 -4.32 -4.35 0.08
CA ALA B 98 -4.90 -3.26 -0.67
C ALA B 98 -4.96 -2.01 0.20
N ASP B 99 -4.63 -0.86 -0.38
CA ASP B 99 -4.59 0.43 0.30
C ASP B 99 -5.45 1.42 -0.47
N LEU B 100 -6.38 2.08 0.22
CA LEU B 100 -7.30 2.99 -0.45
C LEU B 100 -6.64 4.30 -0.86
N TRP B 101 -5.50 4.65 -0.26
CA TRP B 101 -4.75 5.80 -0.74
C TRP B 101 -4.14 5.48 -2.11
N GLN B 102 -4.49 6.28 -3.12
CA GLN B 102 -4.23 5.95 -4.51
C GLN B 102 -2.89 6.45 -5.02
N TYR B 103 -2.13 7.17 -4.19
CA TYR B 103 -0.92 7.86 -4.62
C TYR B 103 0.22 7.49 -3.67
N GLY B 104 1.41 7.95 -4.00
CA GLY B 104 2.50 8.03 -3.04
C GLY B 104 3.02 6.70 -2.54
N ARG B 105 3.69 6.77 -1.40
CA ARG B 105 4.41 5.64 -0.84
C ARG B 105 3.80 5.25 0.50
N ASN B 106 3.91 3.96 0.82
CA ASN B 106 3.30 3.41 2.02
C ASN B 106 3.96 2.07 2.32
N SER B 107 4.74 2.00 3.41
CA SER B 107 5.50 0.80 3.70
C SER B 107 5.19 0.21 5.08
N ARG B 108 4.09 0.62 5.71
CA ARG B 108 3.71 0.09 7.01
C ARG B 108 2.47 -0.79 6.89
N ALA B 109 2.57 -2.02 7.37
CA ALA B 109 1.44 -2.95 7.36
C ALA B 109 0.21 -2.32 7.99
N ALA B 110 0.39 -1.59 9.10
CA ALA B 110 -0.73 -0.97 9.80
C ALA B 110 -1.50 0.02 8.94
N ASP B 111 -0.91 0.52 7.86
CA ASP B 111 -1.54 1.55 7.04
C ASP B 111 -2.13 1.01 5.74
N TYR B 112 -2.24 -0.32 5.60
CA TYR B 112 -3.01 -0.97 4.54
C TYR B 112 -4.36 -1.41 5.09
N ASP B 113 -5.33 -1.60 4.19
CA ASP B 113 -6.72 -1.74 4.59
C ASP B 113 -7.28 -3.16 4.46
N TYR B 114 -6.83 -3.96 3.50
CA TYR B 114 -7.33 -5.31 3.28
C TYR B 114 -6.18 -6.26 2.98
N TRP B 115 -6.28 -7.51 3.47
CA TRP B 115 -5.16 -8.44 3.44
C TRP B 115 -5.57 -9.78 2.85
N GLY B 116 -4.62 -10.41 2.13
CA GLY B 116 -4.82 -11.76 1.64
C GLY B 116 -4.44 -12.82 2.66
N GLN B 117 -4.61 -14.08 2.28
CA GLN B 117 -4.31 -15.16 3.22
C GLN B 117 -2.85 -15.59 3.20
N GLY B 118 -2.06 -15.11 2.24
CA GLY B 118 -0.63 -15.37 2.19
C GLY B 118 -0.30 -16.62 1.38
N THR B 119 0.93 -16.65 0.85
CA THR B 119 1.42 -17.82 0.14
C THR B 119 2.87 -18.09 0.55
N GLN B 120 3.17 -19.35 0.85
CA GLN B 120 4.48 -19.69 1.40
C GLN B 120 5.53 -19.82 0.29
N VAL B 121 6.62 -19.08 0.43
CA VAL B 121 7.80 -19.22 -0.41
C VAL B 121 8.92 -19.82 0.43
N THR B 122 9.40 -20.99 0.02
CA THR B 122 10.55 -21.63 0.64
C THR B 122 11.70 -21.67 -0.36
N VAL B 123 12.83 -21.09 0.01
CA VAL B 123 14.02 -21.05 -0.83
C VAL B 123 15.08 -21.95 -0.21
N SER B 124 15.45 -23.00 -0.90
CA SER B 124 16.48 -23.91 -0.40
C SER B 124 17.83 -23.56 -0.99
N SER B 125 18.89 -23.82 -0.22
CA SER B 125 20.25 -23.57 -0.72
C SER B 125 20.88 -24.84 -1.33
#